data_1LPC
#
_entry.id   1LPC
#
_cell.length_a   37.122
_cell.length_b   78.498
_cell.length_c   42.715
_cell.angle_alpha   90.
_cell.angle_beta   105.228
_cell.angle_gamma   90.
#
_symmetry.space_group_name_H-M   'P 1 21 1'
#
loop_
_entity.id
_entity.type
_entity.pdbx_description
1 polymer 'DIANTHIN 30'
2 non-polymer "ADENOSINE-3',5'-CYCLIC-MONOPHOSPHATE"
3 water water
#
_entity_poly.entity_id   1
_entity_poly.type   'polypeptide(L)'
_entity_poly.pdbx_seq_one_letter_code
;ATAYTLNLANPSASQYSSFLDQIRNNVRDTSLIYGGTDVEVIGAPSTTDKFLRLNFQGPRGTVSLGLRRENLYVVAYLAM
DNANVNRAYYFKNQITSAELTALFPEVVVANQKQLEYGEDYQAIEKNAKITTGDQSRKELGLGINLLITMIDGVNKKVRV
VKDEARFLLIAIQMTAEAARFRYIQNLVTKNFPNKFDSENKVIQFQVSWSKISTAIFGDCKNGVFNKDYDFGFGKVRQAK
DLQMGLLKYLGRPK
;
_entity_poly.pdbx_strand_id   A
#
# COMPACT_ATOMS: atom_id res chain seq x y z
N ALA A 1 13.41 -2.48 -9.18
CA ALA A 1 14.41 -3.52 -9.36
C ALA A 1 13.98 -4.81 -8.66
N THR A 2 14.03 -4.80 -7.32
CA THR A 2 13.62 -5.95 -6.53
C THR A 2 12.12 -6.13 -6.65
N ALA A 3 11.69 -7.36 -6.88
CA ALA A 3 10.28 -7.66 -7.03
C ALA A 3 9.82 -8.80 -6.15
N TYR A 4 8.64 -8.64 -5.58
CA TYR A 4 8.03 -9.66 -4.74
C TYR A 4 6.70 -10.01 -5.42
N THR A 5 6.35 -11.28 -5.40
CA THR A 5 5.13 -11.72 -6.07
C THR A 5 4.11 -12.35 -5.13
N LEU A 6 2.85 -11.93 -5.30
CA LEU A 6 1.74 -12.47 -4.54
C LEU A 6 0.99 -13.38 -5.51
N ASN A 7 0.96 -14.67 -5.20
CA ASN A 7 0.26 -15.64 -6.04
C ASN A 7 -1.22 -15.67 -5.70
N LEU A 8 -2.02 -15.07 -6.57
CA LEU A 8 -3.46 -15.00 -6.39
C LEU A 8 -4.18 -16.17 -7.10
N ALA A 9 -3.40 -17.04 -7.74
CA ALA A 9 -3.95 -18.21 -8.43
C ALA A 9 -4.26 -19.25 -7.36
N ASN A 10 -3.38 -19.32 -6.36
CA ASN A 10 -3.53 -20.22 -5.22
C ASN A 10 -3.25 -19.38 -3.97
N PRO A 11 -4.26 -18.61 -3.51
CA PRO A 11 -4.18 -17.74 -2.34
C PRO A 11 -4.05 -18.49 -1.03
N SER A 12 -3.13 -18.05 -0.19
CA SER A 12 -2.90 -18.64 1.11
C SER A 12 -2.72 -17.50 2.10
N ALA A 13 -3.35 -17.60 3.27
CA ALA A 13 -3.23 -16.57 4.29
C ALA A 13 -1.76 -16.39 4.70
N SER A 14 -1.03 -17.51 4.80
CA SER A 14 0.39 -17.47 5.16
C SER A 14 1.23 -16.81 4.06
N GLN A 15 0.89 -17.08 2.80
CA GLN A 15 1.61 -16.48 1.67
C GLN A 15 1.43 -14.96 1.66
N TYR A 16 0.22 -14.51 1.97
CA TYR A 16 -0.08 -13.07 2.02
C TYR A 16 0.74 -12.42 3.14
N SER A 17 0.75 -13.05 4.31
CA SER A 17 1.49 -12.54 5.45
C SER A 17 2.99 -12.45 5.18
N SER A 18 3.54 -13.49 4.56
CA SER A 18 4.97 -13.52 4.25
C SER A 18 5.29 -12.45 3.20
N PHE A 19 4.36 -12.22 2.29
CA PHE A 19 4.51 -11.21 1.24
C PHE A 19 4.64 -9.81 1.90
N LEU A 20 3.78 -9.54 2.89
CA LEU A 20 3.84 -8.26 3.58
C LEU A 20 5.14 -8.12 4.35
N ASP A 21 5.60 -9.22 4.96
CA ASP A 21 6.85 -9.21 5.70
C ASP A 21 8.04 -8.93 4.80
N GLN A 22 8.00 -9.43 3.56
CA GLN A 22 9.07 -9.20 2.60
C GLN A 22 9.17 -7.71 2.29
N ILE A 23 8.01 -7.05 2.21
CA ILE A 23 7.97 -5.62 1.94
C ILE A 23 8.58 -4.87 3.14
N ARG A 24 8.11 -5.20 4.34
CA ARG A 24 8.60 -4.57 5.57
C ARG A 24 10.11 -4.73 5.74
N ASN A 25 10.59 -5.95 5.56
CA ASN A 25 12.01 -6.27 5.68
C ASN A 25 12.88 -5.63 4.61
N ASN A 26 12.29 -5.37 3.45
CA ASN A 26 13.03 -4.74 2.36
C ASN A 26 13.36 -3.28 2.66
N VAL A 27 12.37 -2.54 3.16
CA VAL A 27 12.53 -1.11 3.42
C VAL A 27 13.03 -0.68 4.81
N ARG A 28 12.96 -1.57 5.79
CA ARG A 28 13.38 -1.24 7.14
C ARG A 28 14.89 -1.11 7.37
N ASP A 29 15.23 -0.34 8.40
CA ASP A 29 16.61 -0.18 8.84
C ASP A 29 16.52 -0.79 10.22
N THR A 30 17.08 -2.00 10.36
CA THR A 30 17.03 -2.72 11.62
C THR A 30 17.75 -2.05 12.78
N SER A 31 18.57 -1.04 12.50
CA SER A 31 19.28 -0.34 13.58
C SER A 31 18.41 0.74 14.22
N LEU A 32 17.26 1.04 13.61
CA LEU A 32 16.35 2.05 14.11
C LEU A 32 15.32 1.49 15.10
N ILE A 33 15.28 2.05 16.29
CA ILE A 33 14.33 1.65 17.32
C ILE A 33 13.62 2.91 17.82
N TYR A 34 12.33 3.02 17.51
CA TYR A 34 11.53 4.17 17.90
C TYR A 34 10.74 3.89 19.17
N GLY A 35 10.82 4.82 20.12
CA GLY A 35 10.10 4.70 21.38
C GLY A 35 10.27 3.42 22.16
N GLY A 36 11.41 2.75 22.00
CA GLY A 36 11.66 1.51 22.71
C GLY A 36 10.73 0.38 22.29
N THR A 37 10.21 0.45 21.07
CA THR A 37 9.32 -0.60 20.55
C THR A 37 10.07 -1.49 19.56
N ASP A 38 9.51 -2.66 19.27
CA ASP A 38 10.13 -3.59 18.34
C ASP A 38 9.61 -3.45 16.91
N VAL A 39 8.74 -2.46 16.68
CA VAL A 39 8.16 -2.24 15.36
C VAL A 39 9.20 -1.77 14.35
N GLU A 40 9.13 -2.33 13.14
CA GLU A 40 10.07 -1.96 12.09
C GLU A 40 9.89 -0.51 11.64
N VAL A 41 11.02 0.13 11.32
CA VAL A 41 11.01 1.52 10.87
C VAL A 41 11.65 1.60 9.50
N ILE A 42 11.03 2.37 8.60
CA ILE A 42 11.55 2.57 7.25
C ILE A 42 12.87 3.33 7.37
N GLY A 43 13.88 2.87 6.65
CA GLY A 43 15.18 3.51 6.68
C GLY A 43 15.24 4.82 5.91
N ALA A 44 16.37 5.50 6.01
CA ALA A 44 16.59 6.77 5.33
C ALA A 44 16.50 6.60 3.81
N PRO A 45 16.11 7.67 3.10
CA PRO A 45 15.97 7.64 1.64
C PRO A 45 17.25 7.22 0.92
N SER A 46 17.11 6.30 -0.01
CA SER A 46 18.23 5.81 -0.81
C SER A 46 18.22 6.52 -2.15
N THR A 47 19.40 6.86 -2.64
CA THR A 47 19.52 7.56 -3.91
C THR A 47 19.69 6.56 -5.07
N THR A 48 20.06 5.33 -4.75
CA THR A 48 20.27 4.29 -5.74
C THR A 48 19.08 3.35 -5.94
N ASP A 49 18.58 2.78 -4.85
CA ASP A 49 17.45 1.85 -4.88
C ASP A 49 16.20 2.57 -4.39
N LYS A 50 15.54 3.28 -5.30
CA LYS A 50 14.35 4.07 -4.96
C LYS A 50 12.99 3.39 -5.06
N PHE A 51 12.88 2.35 -5.89
CA PHE A 51 11.61 1.69 -6.08
C PHE A 51 11.59 0.18 -5.86
N LEU A 52 10.41 -0.32 -5.55
CA LEU A 52 10.16 -1.73 -5.30
C LEU A 52 9.00 -2.15 -6.21
N ARG A 53 9.09 -3.35 -6.78
CA ARG A 53 8.04 -3.85 -7.65
C ARG A 53 7.24 -4.97 -7.01
N LEU A 54 5.92 -4.86 -7.07
CA LEU A 54 5.05 -5.88 -6.51
C LEU A 54 4.21 -6.49 -7.63
N ASN A 55 4.25 -7.81 -7.76
CA ASN A 55 3.49 -8.50 -8.80
C ASN A 55 2.28 -9.23 -8.27
N PHE A 56 1.13 -8.98 -8.88
CA PHE A 56 -0.12 -9.65 -8.52
C PHE A 56 -0.30 -10.68 -9.64
N GLN A 57 0.04 -11.92 -9.34
CA GLN A 57 -0.02 -13.01 -10.31
C GLN A 57 -1.34 -13.77 -10.26
N GLY A 58 -2.11 -13.66 -11.34
CA GLY A 58 -3.39 -14.35 -11.45
C GLY A 58 -3.37 -15.44 -12.53
N PRO A 59 -4.44 -16.23 -12.64
CA PRO A 59 -4.50 -17.29 -13.66
C PRO A 59 -4.49 -16.77 -15.10
N ARG A 60 -5.06 -15.59 -15.31
CA ARG A 60 -5.13 -15.02 -16.66
C ARG A 60 -4.20 -13.84 -16.93
N GLY A 61 -3.22 -13.64 -16.05
CA GLY A 61 -2.30 -12.54 -16.26
C GLY A 61 -1.76 -11.96 -14.97
N THR A 62 -0.78 -11.08 -15.12
CA THR A 62 -0.13 -10.44 -13.97
C THR A 62 -0.18 -8.92 -14.06
N VAL A 63 -0.61 -8.29 -12.97
CA VAL A 63 -0.68 -6.84 -12.87
C VAL A 63 0.38 -6.47 -11.82
N SER A 64 1.12 -5.39 -12.07
CA SER A 64 2.19 -4.99 -11.14
C SER A 64 2.04 -3.58 -10.57
N LEU A 65 2.63 -3.37 -9.40
CA LEU A 65 2.63 -2.08 -8.75
C LEU A 65 4.06 -1.61 -8.55
N GLY A 66 4.24 -0.30 -8.54
CA GLY A 66 5.55 0.28 -8.31
C GLY A 66 5.42 1.13 -7.06
N LEU A 67 6.23 0.85 -6.05
CA LEU A 67 6.20 1.60 -4.79
C LEU A 67 7.52 2.29 -4.48
N ARG A 68 7.43 3.47 -3.89
CA ARG A 68 8.59 4.25 -3.48
C ARG A 68 9.06 3.66 -2.14
N ARG A 69 10.31 3.23 -2.08
CA ARG A 69 10.86 2.62 -0.87
C ARG A 69 11.00 3.55 0.33
N GLU A 70 11.11 4.85 0.09
CA GLU A 70 11.29 5.80 1.19
C GLU A 70 10.04 6.02 2.04
N ASN A 71 8.86 5.77 1.48
CA ASN A 71 7.61 6.00 2.19
C ASN A 71 6.45 5.05 1.84
N LEU A 72 6.75 4.05 1.00
CA LEU A 72 5.77 3.07 0.55
C LEU A 72 4.61 3.63 -0.25
N TYR A 73 4.84 4.75 -0.94
CA TYR A 73 3.79 5.33 -1.75
C TYR A 73 3.71 4.65 -3.10
N VAL A 74 2.50 4.28 -3.50
CA VAL A 74 2.29 3.65 -4.80
C VAL A 74 2.40 4.76 -5.84
N VAL A 75 3.33 4.60 -6.78
CA VAL A 75 3.58 5.61 -7.81
C VAL A 75 3.22 5.21 -9.24
N ALA A 76 2.92 3.93 -9.46
CA ALA A 76 2.59 3.45 -10.80
C ALA A 76 2.08 2.03 -10.80
N TYR A 77 1.53 1.61 -11.93
CA TYR A 77 1.06 0.24 -12.06
C TYR A 77 1.21 -0.20 -13.52
N LEU A 78 1.38 -1.51 -13.69
CA LEU A 78 1.56 -2.14 -15.00
C LEU A 78 0.41 -3.10 -15.28
N ALA A 79 -0.17 -3.00 -16.47
CA ALA A 79 -1.26 -3.88 -16.88
C ALA A 79 -1.34 -3.95 -18.39
N MET A 80 -1.66 -5.14 -18.88
CA MET A 80 -1.80 -5.38 -20.31
C MET A 80 -3.17 -4.88 -20.76
N ASP A 81 -3.24 -4.30 -21.95
CA ASP A 81 -4.53 -3.81 -22.44
C ASP A 81 -5.27 -4.90 -23.23
N ASN A 82 -6.36 -4.51 -23.87
CA ASN A 82 -7.19 -5.41 -24.65
C ASN A 82 -6.46 -6.05 -25.83
N ALA A 83 -5.34 -5.45 -26.22
CA ALA A 83 -4.53 -5.96 -27.32
C ALA A 83 -3.30 -6.68 -26.80
N ASN A 84 -3.33 -7.00 -25.50
CA ASN A 84 -2.23 -7.69 -24.82
C ASN A 84 -0.90 -6.93 -24.88
N VAL A 85 -1.01 -5.60 -24.94
CA VAL A 85 0.15 -4.72 -24.97
C VAL A 85 0.37 -4.19 -23.55
N ASN A 86 1.57 -4.43 -23.03
CA ASN A 86 1.93 -3.96 -21.69
C ASN A 86 1.94 -2.45 -21.65
N ARG A 87 1.27 -1.87 -20.65
CA ARG A 87 1.21 -0.42 -20.48
C ARG A 87 1.46 -0.03 -19.04
N ALA A 88 2.21 1.04 -18.85
CA ALA A 88 2.53 1.55 -17.52
C ALA A 88 1.87 2.92 -17.29
N TYR A 89 1.22 3.07 -16.15
CA TYR A 89 0.55 4.31 -15.79
C TYR A 89 1.20 4.85 -14.52
N TYR A 90 1.59 6.11 -14.54
CA TYR A 90 2.28 6.68 -13.39
C TYR A 90 1.81 8.06 -12.96
N PHE A 91 2.07 8.38 -11.70
CA PHE A 91 1.73 9.69 -11.13
C PHE A 91 2.92 10.60 -11.43
N LYS A 92 2.65 11.73 -12.08
CA LYS A 92 3.69 12.69 -12.49
C LYS A 92 4.75 13.10 -11.48
N ASN A 93 4.32 13.57 -10.31
CA ASN A 93 5.27 14.01 -9.29
C ASN A 93 5.85 12.84 -8.48
N GLN A 94 5.98 11.68 -9.12
CA GLN A 94 6.47 10.50 -8.41
C GLN A 94 7.58 9.69 -9.06
N ILE A 95 7.69 9.73 -10.39
CA ILE A 95 8.70 8.93 -11.07
C ILE A 95 8.97 9.45 -12.49
N THR A 96 10.20 9.21 -12.98
CA THR A 96 10.58 9.65 -14.32
C THR A 96 10.55 8.49 -15.32
N SER A 97 10.63 8.84 -16.60
CA SER A 97 10.60 7.86 -17.68
C SER A 97 11.73 6.84 -17.55
N ALA A 98 12.94 7.33 -17.27
CA ALA A 98 14.11 6.45 -17.11
C ALA A 98 13.93 5.49 -15.95
N GLU A 99 13.37 5.98 -14.85
CA GLU A 99 13.13 5.17 -13.67
C GLU A 99 12.02 4.15 -13.95
N LEU A 100 11.00 4.60 -14.67
CA LEU A 100 9.88 3.74 -15.03
C LEU A 100 10.36 2.64 -15.98
N THR A 101 11.29 2.97 -16.85
CA THR A 101 11.88 2.02 -17.79
C THR A 101 12.61 0.92 -17.02
N ALA A 102 13.31 1.31 -15.96
CA ALA A 102 14.05 0.37 -15.13
C ALA A 102 13.12 -0.47 -14.25
N LEU A 103 12.03 0.15 -13.80
CA LEU A 103 11.06 -0.53 -12.95
C LEU A 103 10.25 -1.56 -13.76
N PHE A 104 9.72 -1.10 -14.89
CA PHE A 104 8.93 -1.94 -15.79
C PHE A 104 9.59 -1.98 -17.17
N PRO A 105 10.62 -2.82 -17.33
CA PRO A 105 11.31 -2.90 -18.63
C PRO A 105 10.49 -3.48 -19.79
N GLU A 106 9.43 -4.20 -19.49
CA GLU A 106 8.57 -4.78 -20.52
C GLU A 106 7.68 -3.75 -21.21
N VAL A 107 7.73 -2.50 -20.73
CA VAL A 107 6.93 -1.42 -21.29
C VAL A 107 7.84 -0.43 -22.02
N VAL A 108 7.51 -0.14 -23.28
CA VAL A 108 8.29 0.81 -24.07
C VAL A 108 7.90 2.24 -23.71
N VAL A 109 8.82 3.18 -23.91
CA VAL A 109 8.60 4.59 -23.59
C VAL A 109 7.26 5.12 -24.10
N ALA A 110 6.94 4.83 -25.36
CA ALA A 110 5.68 5.28 -25.95
C ALA A 110 4.46 4.80 -25.18
N ASN A 111 4.58 3.64 -24.52
CA ASN A 111 3.48 3.08 -23.75
C ASN A 111 3.45 3.46 -22.27
N GLN A 112 4.17 4.51 -21.91
CA GLN A 112 4.17 5.01 -20.54
C GLN A 112 3.15 6.15 -20.53
N LYS A 113 2.16 6.07 -19.65
CA LYS A 113 1.12 7.09 -19.58
C LYS A 113 1.02 7.75 -18.22
N GLN A 114 1.09 9.08 -18.21
CA GLN A 114 0.97 9.85 -16.98
C GLN A 114 -0.50 9.94 -16.60
N LEU A 115 -0.83 9.59 -15.35
CA LEU A 115 -2.21 9.65 -14.88
C LEU A 115 -2.71 11.08 -14.73
N GLU A 116 -3.97 11.29 -15.13
CA GLU A 116 -4.62 12.61 -15.09
C GLU A 116 -4.87 13.17 -13.70
N TYR A 117 -5.00 12.30 -12.70
CA TYR A 117 -5.27 12.72 -11.33
C TYR A 117 -4.13 12.51 -10.34
N GLY A 118 -4.33 13.01 -9.12
CA GLY A 118 -3.34 12.92 -8.06
C GLY A 118 -3.22 11.55 -7.43
N GLU A 119 -2.13 11.34 -6.69
CA GLU A 119 -1.87 10.07 -6.01
C GLU A 119 -2.50 9.96 -4.63
N ASP A 120 -3.09 11.05 -4.15
CA ASP A 120 -3.75 11.08 -2.85
C ASP A 120 -5.11 10.40 -2.94
N TYR A 121 -5.60 9.88 -1.82
CA TYR A 121 -6.88 9.19 -1.77
C TYR A 121 -8.07 9.98 -2.30
N GLN A 122 -8.17 11.25 -1.92
CA GLN A 122 -9.27 12.11 -2.36
C GLN A 122 -9.42 12.15 -3.87
N ALA A 123 -8.31 12.40 -4.56
CA ALA A 123 -8.30 12.47 -6.02
C ALA A 123 -8.70 11.16 -6.67
N ILE A 124 -8.13 10.05 -6.18
CA ILE A 124 -8.45 8.74 -6.72
C ILE A 124 -9.91 8.39 -6.46
N GLU A 125 -10.37 8.66 -5.23
CA GLU A 125 -11.76 8.37 -4.86
C GLU A 125 -12.77 9.09 -5.75
N LYS A 126 -12.44 10.33 -6.14
CA LYS A 126 -13.31 11.13 -7.01
C LYS A 126 -13.54 10.40 -8.34
N ASN A 127 -12.48 9.84 -8.89
CA ASN A 127 -12.57 9.13 -10.16
C ASN A 127 -13.14 7.73 -10.04
N ALA A 128 -13.19 7.20 -8.81
CA ALA A 128 -13.71 5.86 -8.57
C ALA A 128 -15.23 5.81 -8.75
N LYS A 129 -15.87 6.98 -8.68
CA LYS A 129 -17.31 7.13 -8.85
C LYS A 129 -18.15 6.19 -7.97
N ILE A 130 -17.86 6.22 -6.67
CA ILE A 130 -18.58 5.42 -5.69
C ILE A 130 -19.87 6.20 -5.38
N THR A 131 -21.02 5.54 -5.55
CA THR A 131 -22.29 6.22 -5.35
C THR A 131 -23.04 6.06 -4.03
N THR A 132 -22.58 5.17 -3.16
CA THR A 132 -23.26 4.96 -1.87
C THR A 132 -22.46 5.48 -0.68
N GLY A 133 -23.17 5.67 0.45
CA GLY A 133 -22.55 6.14 1.66
C GLY A 133 -21.80 7.46 1.52
N ASP A 134 -20.62 7.54 2.14
CA ASP A 134 -19.80 8.75 2.06
C ASP A 134 -19.01 8.83 0.75
N GLN A 135 -19.19 7.83 -0.11
CA GLN A 135 -18.54 7.77 -1.41
C GLN A 135 -17.02 7.71 -1.36
N SER A 136 -16.48 7.24 -0.24
CA SER A 136 -15.04 7.09 -0.06
C SER A 136 -14.66 5.63 -0.28
N ARG A 137 -13.37 5.33 -0.19
CA ARG A 137 -12.87 3.96 -0.36
C ARG A 137 -13.44 2.97 0.64
N LYS A 138 -13.88 3.45 1.80
CA LYS A 138 -14.44 2.59 2.83
C LYS A 138 -15.64 1.81 2.30
N GLU A 139 -16.37 2.44 1.37
CA GLU A 139 -17.55 1.83 0.78
C GLU A 139 -17.31 0.60 -0.11
N LEU A 140 -16.07 0.40 -0.55
CA LEU A 140 -15.72 -0.74 -1.41
C LEU A 140 -15.45 -2.02 -0.65
N GLY A 141 -15.07 -1.91 0.63
CA GLY A 141 -14.75 -3.07 1.42
C GLY A 141 -13.30 -3.48 1.20
N LEU A 142 -12.90 -4.63 1.73
CA LEU A 142 -11.53 -5.14 1.57
C LEU A 142 -11.54 -6.66 1.43
N GLY A 143 -10.38 -7.25 1.19
CA GLY A 143 -10.29 -8.69 1.06
C GLY A 143 -9.58 -9.20 -0.19
N ILE A 144 -9.04 -10.41 -0.10
CA ILE A 144 -8.35 -11.03 -1.23
C ILE A 144 -9.25 -11.19 -2.46
N ASN A 145 -10.47 -11.70 -2.26
CA ASN A 145 -11.42 -11.89 -3.36
C ASN A 145 -11.77 -10.57 -4.04
N LEU A 146 -11.79 -9.48 -3.27
CA LEU A 146 -12.10 -8.17 -3.82
C LEU A 146 -10.93 -7.69 -4.70
N LEU A 147 -9.70 -7.93 -4.22
CA LEU A 147 -8.50 -7.53 -4.97
C LEU A 147 -8.47 -8.27 -6.32
N ILE A 148 -8.82 -9.57 -6.29
CA ILE A 148 -8.86 -10.37 -7.50
C ILE A 148 -9.89 -9.81 -8.49
N THR A 149 -11.05 -9.43 -7.99
CA THR A 149 -12.10 -8.85 -8.83
C THR A 149 -11.67 -7.51 -9.43
N MET A 150 -10.97 -6.69 -8.63
CA MET A 150 -10.50 -5.40 -9.10
C MET A 150 -9.42 -5.52 -10.17
N ILE A 151 -8.58 -6.54 -10.03
CA ILE A 151 -7.52 -6.79 -11.01
C ILE A 151 -8.15 -7.17 -12.34
N ASP A 152 -9.28 -7.87 -12.26
CA ASP A 152 -10.01 -8.31 -13.45
C ASP A 152 -10.47 -7.10 -14.28
N GLY A 153 -10.64 -5.96 -13.63
CA GLY A 153 -11.06 -4.75 -14.32
C GLY A 153 -9.96 -4.03 -15.08
N VAL A 154 -8.71 -4.41 -14.85
CA VAL A 154 -7.58 -3.76 -15.54
C VAL A 154 -6.73 -4.73 -16.34
N ASN A 155 -6.77 -6.01 -15.97
CA ASN A 155 -5.99 -7.04 -16.65
C ASN A 155 -6.56 -7.38 -18.03
N LYS A 156 -5.77 -7.07 -19.06
CA LYS A 156 -6.14 -7.34 -20.46
C LYS A 156 -7.48 -6.71 -20.84
N LYS A 157 -7.65 -5.44 -20.47
CA LYS A 157 -8.87 -4.70 -20.76
C LYS A 157 -8.56 -3.30 -21.25
N VAL A 158 -9.54 -2.68 -21.88
CA VAL A 158 -9.39 -1.30 -22.35
C VAL A 158 -9.45 -0.47 -21.07
N ARG A 159 -8.55 0.49 -20.94
CA ARG A 159 -8.51 1.32 -19.75
C ARG A 159 -9.75 2.18 -19.52
N VAL A 160 -10.38 1.96 -18.37
CA VAL A 160 -11.54 2.72 -17.96
C VAL A 160 -11.12 3.33 -16.63
N VAL A 161 -11.12 4.66 -16.56
CA VAL A 161 -10.70 5.37 -15.36
C VAL A 161 -11.39 4.95 -14.06
N LYS A 162 -12.69 4.68 -14.15
CA LYS A 162 -13.47 4.26 -12.98
C LYS A 162 -12.94 2.94 -12.40
N ASP A 163 -12.69 1.97 -13.27
CA ASP A 163 -12.20 0.67 -12.85
C ASP A 163 -10.75 0.75 -12.37
N GLU A 164 -9.96 1.59 -13.03
CA GLU A 164 -8.57 1.79 -12.67
C GLU A 164 -8.50 2.38 -11.26
N ALA A 165 -9.30 3.41 -11.02
CA ALA A 165 -9.35 4.08 -9.72
C ALA A 165 -9.74 3.13 -8.59
N ARG A 166 -10.74 2.29 -8.82
CA ARG A 166 -11.19 1.33 -7.82
C ARG A 166 -10.10 0.29 -7.55
N PHE A 167 -9.39 -0.11 -8.60
CA PHE A 167 -8.32 -1.07 -8.45
C PHE A 167 -7.22 -0.47 -7.59
N LEU A 168 -6.83 0.78 -7.89
CA LEU A 168 -5.78 1.47 -7.14
C LEU A 168 -6.12 1.58 -5.65
N LEU A 169 -7.36 1.95 -5.34
CA LEU A 169 -7.80 2.08 -3.96
C LEU A 169 -7.61 0.78 -3.18
N ILE A 170 -8.02 -0.33 -3.79
CA ILE A 170 -7.89 -1.62 -3.15
C ILE A 170 -6.44 -2.11 -3.10
N ALA A 171 -5.72 -1.91 -4.20
CA ALA A 171 -4.31 -2.34 -4.28
C ALA A 171 -3.43 -1.62 -3.25
N ILE A 172 -3.64 -0.31 -3.09
CA ILE A 172 -2.87 0.48 -2.14
C ILE A 172 -3.12 0.02 -0.71
N GLN A 173 -4.39 -0.21 -0.38
CA GLN A 173 -4.76 -0.64 0.96
C GLN A 173 -4.31 -2.05 1.32
N MET A 174 -4.38 -2.96 0.34
CA MET A 174 -4.00 -4.36 0.54
C MET A 174 -2.48 -4.56 0.56
N THR A 175 -1.72 -3.56 0.14
CA THR A 175 -0.27 -3.68 0.14
C THR A 175 0.40 -2.69 1.11
N ALA A 176 0.48 -1.43 0.69
CA ALA A 176 1.09 -0.37 1.50
C ALA A 176 0.46 -0.22 2.87
N GLU A 177 -0.86 -0.07 2.93
CA GLU A 177 -1.53 0.10 4.22
C GLU A 177 -1.43 -1.13 5.12
N ALA A 178 -1.59 -2.31 4.52
CA ALA A 178 -1.50 -3.55 5.30
C ALA A 178 -0.10 -3.74 5.85
N ALA A 179 0.91 -3.28 5.11
CA ALA A 179 2.31 -3.38 5.56
C ALA A 179 2.53 -2.46 6.78
N ARG A 180 1.95 -1.26 6.72
CA ARG A 180 2.07 -0.28 7.80
C ARG A 180 1.27 -0.64 9.04
N PHE A 181 0.07 -1.17 8.84
CA PHE A 181 -0.84 -1.50 9.94
C PHE A 181 -1.22 -2.97 10.04
N ARG A 182 -0.74 -3.63 11.09
CA ARG A 182 -1.04 -5.04 11.30
C ARG A 182 -2.53 -5.30 11.56
N TYR A 183 -3.25 -4.27 12.02
CA TYR A 183 -4.67 -4.39 12.27
C TYR A 183 -5.37 -4.72 10.95
N ILE A 184 -4.94 -4.04 9.89
CA ILE A 184 -5.50 -4.24 8.55
C ILE A 184 -5.13 -5.63 8.03
N GLN A 185 -3.86 -6.01 8.19
CA GLN A 185 -3.39 -7.33 7.78
C GLN A 185 -4.22 -8.42 8.48
N ASN A 186 -4.41 -8.27 9.79
CA ASN A 186 -5.15 -9.23 10.59
C ASN A 186 -6.61 -9.40 10.17
N LEU A 187 -7.24 -8.31 9.71
CA LEU A 187 -8.61 -8.37 9.24
C LEU A 187 -8.66 -9.19 7.95
N VAL A 188 -7.67 -9.00 7.08
CA VAL A 188 -7.59 -9.72 5.82
C VAL A 188 -7.41 -11.22 6.03
N THR A 189 -6.50 -11.59 6.92
CA THR A 189 -6.25 -13.02 7.19
C THR A 189 -7.37 -13.67 8.00
N LYS A 190 -8.03 -12.89 8.86
CA LYS A 190 -9.13 -13.42 9.68
C LYS A 190 -10.34 -13.78 8.79
N ASN A 191 -10.51 -13.02 7.72
CA ASN A 191 -11.62 -13.23 6.78
C ASN A 191 -11.15 -13.90 5.48
N PHE A 192 -9.89 -14.31 5.42
CA PHE A 192 -9.30 -14.92 4.24
C PHE A 192 -10.15 -16.03 3.62
N PRO A 193 -10.39 -15.97 2.30
CA PRO A 193 -9.94 -14.96 1.33
C PRO A 193 -11.10 -14.06 0.91
N ASN A 194 -12.16 -14.07 1.72
CA ASN A 194 -13.37 -13.33 1.46
C ASN A 194 -13.28 -11.82 1.46
N LYS A 195 -14.24 -11.22 0.77
CA LYS A 195 -14.40 -9.78 0.72
C LYS A 195 -15.17 -9.50 2.02
N PHE A 196 -14.84 -8.40 2.68
CA PHE A 196 -15.51 -8.03 3.93
C PHE A 196 -15.63 -6.51 4.01
N ASP A 197 -16.44 -6.02 4.94
CA ASP A 197 -16.66 -4.59 5.12
C ASP A 197 -15.46 -3.94 5.80
N SER A 198 -15.14 -2.72 5.39
CA SER A 198 -14.06 -1.97 6.02
C SER A 198 -14.67 -1.31 7.26
N GLU A 199 -13.87 -0.57 8.02
CA GLU A 199 -14.36 0.07 9.24
C GLU A 199 -13.80 1.48 9.36
N ASN A 200 -14.39 2.28 10.24
CA ASN A 200 -13.92 3.63 10.47
C ASN A 200 -12.50 3.54 11.03
N LYS A 201 -12.25 2.54 11.86
CA LYS A 201 -10.94 2.32 12.47
C LYS A 201 -9.86 2.10 11.41
N VAL A 202 -10.23 1.45 10.31
CA VAL A 202 -9.30 1.20 9.21
C VAL A 202 -8.88 2.54 8.59
N ILE A 203 -9.86 3.40 8.34
CA ILE A 203 -9.60 4.72 7.76
C ILE A 203 -8.83 5.60 8.74
N GLN A 204 -9.22 5.54 10.01
CA GLN A 204 -8.59 6.33 11.07
C GLN A 204 -7.10 6.01 11.19
N PHE A 205 -6.75 4.74 11.05
CA PHE A 205 -5.35 4.34 11.09
C PHE A 205 -4.61 4.97 9.90
N GLN A 206 -5.18 4.81 8.71
CA GLN A 206 -4.59 5.32 7.47
C GLN A 206 -4.27 6.82 7.47
N VAL A 207 -5.21 7.64 7.93
CA VAL A 207 -5.00 9.08 7.94
C VAL A 207 -4.05 9.57 9.05
N SER A 208 -3.69 8.70 9.97
CA SER A 208 -2.81 9.10 11.05
C SER A 208 -1.46 8.36 11.12
N TRP A 209 -0.99 7.87 9.99
CA TRP A 209 0.30 7.16 9.95
C TRP A 209 1.43 8.05 10.45
N SER A 210 1.50 9.28 9.93
CA SER A 210 2.54 10.23 10.33
C SER A 210 2.41 10.61 11.80
N LYS A 211 1.18 10.84 12.25
CA LYS A 211 0.91 11.21 13.64
C LYS A 211 1.33 10.11 14.60
N ILE A 212 0.95 8.87 14.28
CA ILE A 212 1.31 7.73 15.12
C ILE A 212 2.83 7.55 15.15
N SER A 213 3.47 7.67 13.99
CA SER A 213 4.93 7.53 13.90
C SER A 213 5.65 8.60 14.73
N THR A 214 5.16 9.85 14.65
CA THR A 214 5.74 10.97 15.40
C THR A 214 5.57 10.74 16.90
N ALA A 215 4.39 10.25 17.30
CA ALA A 215 4.10 9.98 18.71
C ALA A 215 5.03 8.93 19.29
N ILE A 216 5.28 7.87 18.54
CA ILE A 216 6.17 6.80 19.01
C ILE A 216 7.62 7.27 18.98
N PHE A 217 7.97 8.04 17.96
CA PHE A 217 9.32 8.58 17.78
C PHE A 217 9.73 9.56 18.87
N GLY A 218 8.87 10.52 19.19
CA GLY A 218 9.23 11.51 20.18
C GLY A 218 8.47 11.66 21.47
N ASP A 219 7.47 10.83 21.72
CA ASP A 219 6.69 10.95 22.96
C ASP A 219 6.33 9.59 23.53
N CYS A 220 7.28 8.67 23.42
CA CYS A 220 7.06 7.30 23.89
C CYS A 220 8.33 6.74 24.53
N LYS A 221 8.19 6.13 25.71
CA LYS A 221 9.32 5.57 26.41
C LYS A 221 9.02 4.11 26.75
N ASN A 222 9.88 3.22 26.25
CA ASN A 222 9.73 1.78 26.45
C ASN A 222 8.33 1.28 26.10
N GLY A 223 7.81 1.75 24.98
CA GLY A 223 6.49 1.33 24.53
C GLY A 223 5.31 2.03 25.17
N VAL A 224 5.58 2.94 26.11
CA VAL A 224 4.51 3.66 26.79
C VAL A 224 4.53 5.14 26.44
N PHE A 225 3.40 5.65 25.96
CA PHE A 225 3.27 7.06 25.59
C PHE A 225 3.32 7.91 26.85
N ASN A 226 3.92 9.10 26.75
CA ASN A 226 4.04 10.01 27.88
C ASN A 226 2.70 10.62 28.26
N LYS A 227 1.77 10.62 27.31
CA LYS A 227 0.44 11.13 27.53
C LYS A 227 -0.53 10.27 26.74
N ASP A 228 -1.82 10.38 27.03
CA ASP A 228 -2.82 9.61 26.31
C ASP A 228 -3.00 10.16 24.91
N TYR A 229 -3.10 9.26 23.93
CA TYR A 229 -3.31 9.65 22.55
C TYR A 229 -4.59 9.02 22.03
N ASP A 230 -5.29 9.76 21.17
CA ASP A 230 -6.53 9.25 20.57
C ASP A 230 -6.47 9.59 19.10
N PHE A 231 -6.39 8.57 18.27
CA PHE A 231 -6.32 8.74 16.83
C PHE A 231 -7.67 8.57 16.15
N GLY A 232 -8.73 8.61 16.94
CA GLY A 232 -10.08 8.48 16.41
C GLY A 232 -10.88 7.31 16.95
N PHE A 233 -10.19 6.25 17.33
CA PHE A 233 -10.86 5.05 17.83
C PHE A 233 -10.69 4.78 19.33
N GLY A 234 -10.29 5.80 20.08
CA GLY A 234 -10.12 5.62 21.51
C GLY A 234 -8.75 5.98 22.06
N LYS A 235 -8.68 6.13 23.39
CA LYS A 235 -7.44 6.47 24.06
C LYS A 235 -6.46 5.31 24.10
N VAL A 236 -5.22 5.59 23.75
CA VAL A 236 -4.15 4.59 23.75
C VAL A 236 -2.96 5.11 24.56
N ARG A 237 -2.43 4.26 25.42
CA ARG A 237 -1.28 4.62 26.26
C ARG A 237 -0.10 3.71 25.91
N GLN A 238 -0.41 2.47 25.52
CA GLN A 238 0.59 1.48 25.15
C GLN A 238 0.70 1.44 23.63
N ALA A 239 1.91 1.62 23.11
CA ALA A 239 2.11 1.60 21.66
C ALA A 239 1.72 0.26 21.04
N LYS A 240 1.84 -0.81 21.81
CA LYS A 240 1.50 -2.16 21.35
C LYS A 240 0.04 -2.31 20.94
N ASP A 241 -0.83 -1.51 21.55
CA ASP A 241 -2.25 -1.57 21.26
C ASP A 241 -2.57 -1.04 19.86
N LEU A 242 -1.59 -0.42 19.23
CA LEU A 242 -1.76 0.12 17.89
C LEU A 242 -1.50 -0.94 16.81
N GLN A 243 -0.83 -2.02 17.20
CA GLN A 243 -0.48 -3.12 16.30
C GLN A 243 0.17 -2.58 15.02
N MET A 244 1.20 -1.76 15.19
CA MET A 244 1.90 -1.18 14.06
C MET A 244 2.79 -2.18 13.34
N GLY A 245 2.84 -2.05 12.02
CA GLY A 245 3.66 -2.94 11.22
C GLY A 245 4.87 -2.23 10.65
N LEU A 246 4.76 -0.92 10.42
CA LEU A 246 5.86 -0.17 9.85
C LEU A 246 5.71 1.32 10.16
N LEU A 247 6.77 1.91 10.71
CA LEU A 247 6.76 3.34 11.05
C LEU A 247 7.46 4.19 10.00
N LYS A 248 6.98 5.43 9.87
CA LYS A 248 7.53 6.40 8.92
C LYS A 248 8.93 6.85 9.39
N TYR A 249 9.85 7.05 8.44
CA TYR A 249 11.19 7.50 8.78
C TYR A 249 11.15 8.97 9.22
N LEU A 250 11.62 9.22 10.43
CA LEU A 250 11.64 10.57 10.99
C LEU A 250 13.04 10.94 11.46
N GLY A 251 14.02 10.12 11.09
CA GLY A 251 15.39 10.36 11.50
C GLY A 251 15.78 9.34 12.55
N ARG A 252 16.97 9.49 13.13
CA ARG A 252 17.39 8.56 14.16
C ARG A 252 16.92 9.06 15.54
N PRO A 253 16.64 8.13 16.48
CA PRO A 253 16.20 8.47 17.83
C PRO A 253 17.15 9.41 18.58
N LYS A 254 16.58 10.42 19.24
CA LYS A 254 17.38 11.37 20.00
C LYS A 254 17.43 10.97 21.48
#